data_4P49
#
_entry.id   4P49
#
_cell.length_a   52.459
_cell.length_b   52.459
_cell.length_c   302.375
_cell.angle_alpha   90.000
_cell.angle_beta   90.000
_cell.angle_gamma   120.000
#
_symmetry.space_group_name_H-M   'P 61 2 2'
#
loop_
_entity.id
_entity.type
_entity.pdbx_description
1 polymer 'Antibody scFv B8'
2 non-polymer 'SULFATE ION'
3 non-polymer 'ACETATE ION'
4 water water
#
_entity_poly.entity_id   1
_entity_poly.type   'polypeptide(L)'
_entity_poly.pdbx_seq_one_letter_code
;ALTQPSSVSANPGETVKITCSGSSGSYGWYQQKSPDSAPVTVIYQSNQRPSDIPSRFSGSKSGSTGTLTITGVQAEDEAV
YYCGGWGSSVGMFGAGTTLTVLGQSSRSSGGGGSSGGGGSAVTLDESGGGLQTPGGALSLVCKASGFTFSSYAMGWVRQA
PGKGLEWVAGISDDGDSYISYATAVKGRATISRDNGQSTVRLQLNNLRAEDTATYYCARSHCSGCRNAALIDAWGHGTEV
IVSSTSGQAGQHHHHHHGAYPYDVPDYAS
;
_entity_poly.pdbx_strand_id   A
#
# COMPACT_ATOMS: atom_id res chain seq x y z
N ALA A 1 -5.28 -11.21 6.69
CA ALA A 1 -4.10 -10.42 6.39
C ALA A 1 -2.98 -11.36 5.93
N LEU A 2 -1.92 -10.80 5.38
CA LEU A 2 -0.79 -11.64 4.99
C LEU A 2 0.12 -11.91 6.19
N THR A 3 1.05 -12.85 6.03
CA THR A 3 1.99 -13.20 7.07
C THR A 3 3.43 -13.11 6.58
N GLN A 4 4.23 -12.29 7.25
CA GLN A 4 5.66 -12.13 6.94
C GLN A 4 6.43 -12.05 8.26
N PRO A 5 7.75 -12.34 8.25
CA PRO A 5 8.49 -12.33 9.52
C PRO A 5 8.48 -10.93 10.16
N SER A 6 8.54 -10.89 11.48
N SER A 6 8.54 -10.87 11.48
CA SER A 6 8.52 -9.61 12.17
CA SER A 6 8.50 -9.56 12.12
C SER A 6 9.78 -8.80 11.88
C SER A 6 9.79 -8.79 11.86
N SER A 7 10.91 -9.49 11.85
CA SER A 7 12.18 -8.81 11.69
C SER A 7 13.22 -9.70 11.04
N VAL A 8 14.14 -9.02 10.38
CA VAL A 8 15.32 -9.64 9.79
C VAL A 8 16.46 -8.67 10.01
N SER A 9 17.62 -9.21 10.37
CA SER A 9 18.81 -8.41 10.48
C SER A 9 19.79 -8.87 9.42
N ALA A 10 20.58 -7.95 8.89
CA ALA A 10 21.56 -8.31 7.87
C ALA A 10 22.76 -7.38 7.86
N ASN A 11 23.90 -7.93 7.48
CA ASN A 11 25.10 -7.15 7.25
C ASN A 11 25.05 -6.54 5.86
N PRO A 12 25.65 -5.35 5.69
CA PRO A 12 25.82 -4.85 4.32
C PRO A 12 26.51 -5.90 3.45
N GLY A 13 26.01 -6.11 2.24
CA GLY A 13 26.61 -7.08 1.33
C GLY A 13 25.96 -8.45 1.37
N GLU A 14 25.06 -8.67 2.32
CA GLU A 14 24.30 -9.92 2.35
C GLU A 14 23.32 -10.03 1.20
N THR A 15 22.89 -11.26 0.94
CA THR A 15 21.71 -11.51 0.14
C THR A 15 20.60 -11.86 1.13
N VAL A 16 19.59 -10.99 1.17
CA VAL A 16 18.50 -11.03 2.14
C VAL A 16 17.23 -11.53 1.47
N LYS A 17 16.54 -12.46 2.12
CA LYS A 17 15.24 -12.88 1.62
C LYS A 17 14.17 -12.66 2.67
N ILE A 18 13.07 -12.07 2.24
CA ILE A 18 11.90 -11.90 3.08
C ILE A 18 10.73 -12.61 2.44
N THR A 19 10.10 -13.51 3.16
CA THR A 19 8.95 -14.23 2.60
C THR A 19 7.62 -13.70 3.11
N CYS A 20 6.59 -13.99 2.34
CA CYS A 20 5.23 -13.59 2.68
C CYS A 20 4.26 -14.66 2.22
N SER A 21 3.23 -14.93 3.01
N SER A 21 3.24 -14.93 3.02
CA SER A 21 2.23 -15.92 2.63
CA SER A 21 2.23 -15.94 2.67
C SER A 21 0.83 -15.35 2.81
C SER A 21 0.82 -15.38 2.85
N GLY A 22 -0.14 -16.03 2.21
CA GLY A 22 -1.53 -15.67 2.43
C GLY A 22 -2.26 -15.03 1.27
N SER A 23 -1.54 -14.65 0.22
CA SER A 23 -2.20 -14.04 -0.93
C SER A 23 -2.87 -15.08 -1.81
N SER A 24 -4.04 -14.71 -2.35
N SER A 24 -4.02 -14.71 -2.36
CA SER A 24 -4.70 -15.54 -3.35
CA SER A 24 -4.69 -15.56 -3.33
C SER A 24 -3.99 -15.44 -4.69
C SER A 24 -4.12 -15.31 -4.72
N GLY A 25 -3.08 -14.47 -4.81
CA GLY A 25 -2.42 -14.25 -6.07
C GLY A 25 -1.01 -13.74 -5.90
N SER A 26 -0.68 -12.68 -6.63
CA SER A 26 0.67 -12.14 -6.60
C SER A 26 0.99 -11.41 -5.29
N TYR A 27 2.26 -11.02 -5.16
CA TYR A 27 2.79 -10.29 -4.01
C TYR A 27 3.42 -8.98 -4.44
N GLY A 28 3.15 -7.92 -3.71
CA GLY A 28 3.84 -6.66 -3.89
C GLY A 28 4.68 -6.37 -2.66
N TRP A 29 5.70 -5.54 -2.83
CA TRP A 29 6.63 -5.24 -1.75
C TRP A 29 6.88 -3.75 -1.66
N TYR A 30 6.67 -3.21 -0.46
CA TYR A 30 6.63 -1.79 -0.25
C TYR A 30 7.59 -1.40 0.85
N GLN A 31 8.52 -0.55 0.48
CA GLN A 31 9.58 -0.13 1.37
C GLN A 31 9.19 1.14 2.09
N GLN A 32 9.23 1.14 3.42
CA GLN A 32 8.95 2.35 4.18
C GLN A 32 10.12 2.64 5.11
N LYS A 33 10.92 3.64 4.76
CA LYS A 33 12.15 3.91 5.49
C LYS A 33 11.92 4.64 6.80
N SER A 34 10.78 5.30 6.92
CA SER A 34 10.38 6.00 8.12
C SER A 34 8.88 5.85 8.30
N PRO A 35 8.41 5.68 9.55
CA PRO A 35 6.96 5.63 9.77
C PRO A 35 6.22 6.87 9.27
N ASP A 36 6.93 7.98 9.06
CA ASP A 36 6.33 9.24 8.63
C ASP A 36 6.55 9.57 7.16
N SER A 37 7.02 8.61 6.38
CA SER A 37 7.21 8.86 4.96
C SER A 37 6.45 7.82 4.16
N ALA A 38 6.08 8.20 2.94
CA ALA A 38 5.31 7.32 2.07
C ALA A 38 6.08 6.04 1.77
N PRO A 39 5.36 4.92 1.67
CA PRO A 39 6.03 3.73 1.12
C PRO A 39 6.48 3.96 -0.32
N VAL A 40 7.43 3.15 -0.74
CA VAL A 40 7.93 3.11 -2.11
C VAL A 40 7.82 1.69 -2.62
N THR A 41 7.20 1.50 -3.78
CA THR A 41 7.10 0.17 -4.33
C THR A 41 8.46 -0.30 -4.87
N VAL A 42 8.98 -1.41 -4.33
CA VAL A 42 10.20 -1.96 -4.88
C VAL A 42 9.94 -3.14 -5.81
N ILE A 43 8.84 -3.87 -5.58
CA ILE A 43 8.41 -4.95 -6.48
C ILE A 43 6.88 -4.96 -6.51
N TYR A 44 6.28 -5.10 -7.69
CA TYR A 44 4.85 -5.36 -7.75
C TYR A 44 4.56 -6.56 -8.64
N GLN A 45 3.36 -7.13 -8.48
CA GLN A 45 2.95 -8.35 -9.16
C GLN A 45 4.04 -9.42 -9.16
N SER A 46 4.51 -9.68 -7.94
CA SER A 46 5.49 -10.73 -7.59
C SER A 46 6.93 -10.51 -8.07
N ASN A 47 7.13 -10.05 -9.30
CA ASN A 47 8.49 -9.96 -9.84
C ASN A 47 8.78 -8.73 -10.69
N GLN A 48 7.86 -7.78 -10.73
CA GLN A 48 8.05 -6.59 -11.57
C GLN A 48 8.76 -5.50 -10.80
N ARG A 49 9.91 -5.08 -11.29
CA ARG A 49 10.68 -4.03 -10.63
C ARG A 49 10.52 -2.72 -11.37
N PRO A 50 10.04 -1.68 -10.68
CA PRO A 50 9.93 -0.35 -11.31
C PRO A 50 11.28 0.14 -11.80
N SER A 51 11.28 0.96 -12.85
CA SER A 51 12.52 1.37 -13.49
C SER A 51 13.45 2.14 -12.55
N ASP A 52 12.89 2.87 -11.60
CA ASP A 52 13.67 3.70 -10.69
C ASP A 52 14.22 2.93 -9.48
N ILE A 53 13.92 1.65 -9.41
CA ILE A 53 14.36 0.82 -8.30
C ILE A 53 15.65 0.08 -8.68
N PRO A 54 16.64 0.08 -7.77
CA PRO A 54 17.93 -0.59 -8.05
C PRO A 54 17.77 -2.07 -8.36
N SER A 55 18.60 -2.60 -9.25
CA SER A 55 18.47 -3.98 -9.72
C SER A 55 18.77 -5.02 -8.63
N ARG A 56 19.34 -4.59 -7.53
CA ARG A 56 19.59 -5.53 -6.43
C ARG A 56 18.28 -6.02 -5.78
N PHE A 57 17.18 -5.32 -6.03
CA PHE A 57 15.86 -5.79 -5.58
C PHE A 57 15.23 -6.73 -6.61
N SER A 58 14.78 -7.90 -6.18
CA SER A 58 14.02 -8.79 -7.07
C SER A 58 12.96 -9.52 -6.27
N GLY A 59 11.97 -10.05 -6.97
CA GLY A 59 10.95 -10.82 -6.32
C GLY A 59 10.56 -12.05 -7.10
N SER A 60 9.98 -13.02 -6.39
CA SER A 60 9.49 -14.21 -7.04
C SER A 60 8.30 -14.75 -6.28
N LYS A 61 7.53 -15.61 -6.93
CA LYS A 61 6.45 -16.34 -6.27
C LYS A 61 6.61 -17.81 -6.58
N SER A 62 6.57 -18.64 -5.55
CA SER A 62 6.67 -20.08 -5.69
C SER A 62 5.54 -20.69 -4.88
N GLY A 63 4.75 -21.55 -5.53
CA GLY A 63 3.53 -22.04 -4.93
C GLY A 63 2.64 -20.86 -4.63
N SER A 64 2.32 -20.68 -3.36
CA SER A 64 1.49 -19.55 -2.95
C SER A 64 2.26 -18.59 -2.03
N THR A 65 3.58 -18.60 -2.16
N THR A 65 3.58 -18.65 -2.09
CA THR A 65 4.47 -17.83 -1.27
CA THR A 65 4.38 -17.76 -1.29
C THR A 65 5.38 -16.87 -2.04
C THR A 65 5.08 -16.75 -2.18
N GLY A 66 5.43 -15.62 -1.62
CA GLY A 66 6.23 -14.63 -2.30
C GLY A 66 7.51 -14.36 -1.53
N THR A 67 8.56 -14.07 -2.26
CA THR A 67 9.86 -13.76 -1.67
C THR A 67 10.45 -12.52 -2.30
N LEU A 68 10.79 -11.54 -1.46
CA LEU A 68 11.62 -10.40 -1.84
C LEU A 68 13.07 -10.75 -1.56
N THR A 69 13.91 -10.57 -2.57
CA THR A 69 15.35 -10.80 -2.41
C THR A 69 16.09 -9.50 -2.64
N ILE A 70 16.98 -9.16 -1.71
CA ILE A 70 17.88 -8.04 -1.93
C ILE A 70 19.28 -8.63 -2.02
N THR A 71 19.86 -8.57 -3.22
CA THR A 71 21.16 -9.20 -3.47
C THR A 71 22.24 -8.14 -3.32
N GLY A 72 22.97 -8.19 -2.20
CA GLY A 72 23.99 -7.19 -1.92
C GLY A 72 23.34 -6.01 -1.23
N VAL A 73 22.74 -6.27 -0.09
CA VAL A 73 21.97 -5.24 0.61
C VAL A 73 22.89 -4.09 1.05
N GLN A 74 22.35 -2.88 1.01
N GLN A 74 22.35 -2.88 1.03
CA GLN A 74 23.09 -1.68 1.42
CA GLN A 74 23.11 -1.71 1.44
C GLN A 74 22.47 -1.10 2.68
C GLN A 74 22.47 -1.08 2.67
N ALA A 75 23.24 -0.28 3.40
CA ALA A 75 22.75 0.37 4.62
C ALA A 75 21.46 1.16 4.36
N GLU A 76 21.40 1.80 3.20
CA GLU A 76 20.24 2.62 2.86
C GLU A 76 18.97 1.78 2.65
N ASP A 77 19.09 0.46 2.64
CA ASP A 77 17.94 -0.41 2.42
C ASP A 77 17.25 -0.73 3.74
N GLU A 78 17.81 -0.28 4.84
CA GLU A 78 17.16 -0.42 6.13
C GLU A 78 15.78 0.25 6.09
N ALA A 79 14.75 -0.52 6.40
CA ALA A 79 13.38 -0.07 6.25
C ALA A 79 12.44 -1.13 6.78
N VAL A 80 11.17 -0.78 6.92
CA VAL A 80 10.15 -1.79 7.09
C VAL A 80 9.59 -2.13 5.71
N TYR A 81 9.56 -3.42 5.38
CA TYR A 81 9.03 -3.89 4.10
C TYR A 81 7.68 -4.56 4.34
N TYR A 82 6.65 -4.03 3.69
CA TYR A 82 5.32 -4.62 3.73
C TYR A 82 5.05 -5.42 2.48
N CYS A 83 4.51 -6.62 2.63
CA CYS A 83 3.99 -7.32 1.46
C CYS A 83 2.52 -7.01 1.30
N GLY A 84 2.07 -7.05 0.06
CA GLY A 84 0.69 -6.77 -0.30
C GLY A 84 0.17 -7.84 -1.23
N GLY A 85 -1.13 -8.11 -1.17
CA GLY A 85 -1.75 -9.14 -1.97
C GLY A 85 -3.25 -9.02 -1.88
N TRP A 86 -3.95 -10.12 -1.99
CA TRP A 86 -5.41 -10.06 -1.96
C TRP A 86 -6.01 -11.35 -1.44
N GLY A 87 -7.24 -11.25 -0.94
CA GLY A 87 -7.99 -12.40 -0.49
C GLY A 87 -9.38 -11.95 -0.14
N SER A 88 -10.36 -12.85 -0.27
CA SER A 88 -11.74 -12.55 0.15
C SER A 88 -12.22 -11.21 -0.41
N SER A 89 -12.02 -11.03 -1.72
CA SER A 89 -12.51 -9.85 -2.46
C SER A 89 -11.94 -8.50 -2.02
N VAL A 90 -10.84 -8.50 -1.28
CA VAL A 90 -10.19 -7.25 -0.87
C VAL A 90 -8.67 -7.32 -0.98
N GLY A 91 -8.03 -6.16 -1.05
CA GLY A 91 -6.59 -6.08 -0.90
C GLY A 91 -6.22 -6.29 0.56
N MET A 92 -4.99 -6.72 0.80
N MET A 92 -5.01 -6.77 0.81
CA MET A 92 -4.51 -6.84 2.17
CA MET A 92 -4.54 -6.89 2.19
C MET A 92 -3.00 -6.75 2.20
C MET A 92 -3.01 -6.88 2.23
N PHE A 93 -2.48 -6.52 3.40
CA PHE A 93 -1.05 -6.44 3.61
C PHE A 93 -0.62 -7.40 4.71
N GLY A 94 0.67 -7.68 4.74
CA GLY A 94 1.30 -8.28 5.92
C GLY A 94 1.59 -7.20 6.95
N ALA A 95 2.02 -7.61 8.15
CA ALA A 95 2.24 -6.68 9.24
C ALA A 95 3.58 -5.95 9.15
N GLY A 96 4.39 -6.27 8.14
CA GLY A 96 5.66 -5.60 7.93
C GLY A 96 6.81 -6.40 8.50
N THR A 97 7.92 -6.41 7.77
CA THR A 97 9.17 -6.98 8.22
C THR A 97 10.17 -5.85 8.43
N THR A 98 10.65 -5.68 9.66
CA THR A 98 11.63 -4.65 9.93
C THR A 98 13.00 -5.18 9.55
N LEU A 99 13.58 -4.63 8.49
CA LEU A 99 14.94 -4.98 8.10
C LEU A 99 15.95 -4.03 8.72
N THR A 100 16.80 -4.57 9.60
CA THR A 100 17.91 -3.83 10.18
C THR A 100 19.19 -4.16 9.44
N VAL A 101 19.87 -3.14 8.92
CA VAL A 101 21.17 -3.38 8.31
C VAL A 101 22.22 -2.98 9.31
N LEU A 102 23.01 -3.95 9.75
CA LEU A 102 24.04 -3.73 10.75
C LEU A 102 25.28 -3.08 10.16
N GLY A 103 25.10 -1.88 9.61
CA GLY A 103 26.20 -1.14 9.00
C GLY A 103 25.71 0.11 8.29
N ALA A 121 7.41 11.34 -12.47
CA ALA A 121 6.44 12.28 -13.01
C ALA A 121 5.05 12.04 -12.44
N VAL A 122 4.81 10.79 -12.01
CA VAL A 122 3.56 10.43 -11.37
C VAL A 122 3.44 11.08 -9.99
N THR A 123 2.35 11.83 -9.80
CA THR A 123 2.11 12.54 -8.55
C THR A 123 0.70 12.27 -8.01
N LEU A 124 0.62 11.97 -6.72
CA LEU A 124 -0.65 11.77 -6.02
C LEU A 124 -0.64 12.67 -4.79
N ASP A 125 -1.65 13.53 -4.71
CA ASP A 125 -1.67 14.61 -3.71
C ASP A 125 -2.97 14.59 -2.92
N GLU A 126 -2.88 14.12 -1.67
CA GLU A 126 -4.06 13.97 -0.81
C GLU A 126 -4.33 15.20 0.04
N SER A 127 -5.61 15.52 0.19
CA SER A 127 -6.03 16.57 1.13
C SER A 127 -7.32 16.15 1.83
N GLY A 128 -7.69 16.86 2.88
CA GLY A 128 -8.93 16.59 3.58
C GLY A 128 -8.76 16.09 5.00
N GLY A 129 -7.51 15.85 5.40
CA GLY A 129 -7.22 15.39 6.75
C GLY A 129 -7.35 16.45 7.83
N GLY A 130 -6.87 16.11 9.02
CA GLY A 130 -6.92 17.01 10.15
C GLY A 130 -7.65 16.38 11.32
N LEU A 131 -7.93 17.18 12.33
CA LEU A 131 -8.70 16.75 13.49
C LEU A 131 -10.14 16.46 13.10
N GLN A 132 -10.68 15.35 13.61
CA GLN A 132 -12.07 14.99 13.33
C GLN A 132 -12.82 14.68 14.63
N THR A 133 -14.12 14.91 14.62
CA THR A 133 -14.97 14.60 15.76
C THR A 133 -15.38 13.13 15.73
N PRO A 134 -15.32 12.45 16.88
CA PRO A 134 -15.82 11.07 16.93
C PRO A 134 -17.29 11.02 16.53
N GLY A 135 -17.64 10.13 15.63
CA GLY A 135 -19.01 10.04 15.13
C GLY A 135 -19.21 10.97 13.95
N GLY A 136 -18.19 11.75 13.62
CA GLY A 136 -18.25 12.67 12.50
C GLY A 136 -17.94 11.99 11.18
N ALA A 137 -17.71 12.78 10.15
CA ALA A 137 -17.40 12.26 8.82
C ALA A 137 -16.23 13.01 8.19
N LEU A 138 -15.50 12.34 7.31
CA LEU A 138 -14.41 13.00 6.60
C LEU A 138 -14.54 12.80 5.10
N SER A 139 -13.87 13.68 4.34
CA SER A 139 -13.87 13.62 2.89
C SER A 139 -12.45 13.89 2.41
N LEU A 140 -11.79 12.83 1.94
CA LEU A 140 -10.43 12.93 1.45
C LEU A 140 -10.44 12.98 -0.07
N VAL A 141 -9.61 13.85 -0.64
CA VAL A 141 -9.46 13.94 -2.08
C VAL A 141 -8.00 13.73 -2.46
N CYS A 142 -7.79 12.90 -3.48
CA CYS A 142 -6.47 12.67 -4.03
C CYS A 142 -6.42 13.24 -5.45
N LYS A 143 -5.54 14.21 -5.67
CA LYS A 143 -5.39 14.80 -6.99
C LYS A 143 -4.20 14.16 -7.71
N ALA A 144 -4.44 13.61 -8.89
CA ALA A 144 -3.41 12.89 -9.61
C ALA A 144 -2.89 13.70 -10.81
N SER A 145 -1.61 13.51 -11.12
CA SER A 145 -1.04 14.12 -12.31
C SER A 145 0.14 13.28 -12.79
N GLY A 146 0.54 13.47 -14.05
CA GLY A 146 1.72 12.84 -14.57
C GLY A 146 1.45 11.51 -15.24
N PHE A 147 0.17 11.16 -15.35
CA PHE A 147 -0.21 9.91 -16.03
C PHE A 147 -1.66 9.97 -16.49
N THR A 148 -2.03 9.03 -17.34
CA THR A 148 -3.40 8.95 -17.86
C THR A 148 -4.28 8.33 -16.77
N PHE A 149 -4.87 9.19 -15.96
CA PHE A 149 -5.58 8.78 -14.74
C PHE A 149 -6.70 7.77 -15.00
N SER A 150 -7.40 7.95 -16.11
CA SER A 150 -8.56 7.12 -16.43
C SER A 150 -8.20 5.71 -16.87
N SER A 151 -6.90 5.42 -16.97
CA SER A 151 -6.45 4.07 -17.35
C SER A 151 -6.13 3.17 -16.16
N TYR A 152 -6.10 3.72 -14.94
CA TYR A 152 -5.62 2.97 -13.78
C TYR A 152 -6.65 2.81 -12.67
N ALA A 153 -6.69 1.63 -12.08
CA ALA A 153 -7.39 1.44 -10.82
C ALA A 153 -6.71 2.26 -9.72
N MET A 154 -7.49 2.78 -8.79
CA MET A 154 -6.96 3.59 -7.71
C MET A 154 -7.47 3.03 -6.38
N GLY A 155 -6.89 3.48 -5.29
CA GLY A 155 -7.28 2.96 -3.99
C GLY A 155 -6.78 3.82 -2.85
N TRP A 156 -7.20 3.44 -1.64
CA TRP A 156 -6.76 4.10 -0.43
C TRP A 156 -6.19 3.08 0.54
N VAL A 157 -5.11 3.47 1.19
CA VAL A 157 -4.39 2.64 2.15
C VAL A 157 -4.11 3.52 3.35
N ARG A 158 -4.34 3.03 4.56
CA ARG A 158 -4.09 3.84 5.73
C ARG A 158 -3.13 3.18 6.69
N GLN A 159 -2.58 3.97 7.61
CA GLN A 159 -1.59 3.47 8.55
C GLN A 159 -1.79 4.17 9.88
N ALA A 160 -2.34 3.45 10.86
CA ALA A 160 -2.52 3.99 12.20
C ALA A 160 -1.15 4.16 12.85
N PRO A 161 -1.04 5.09 13.81
CA PRO A 161 0.25 5.35 14.47
C PRO A 161 0.87 4.08 15.04
N GLY A 162 2.11 3.79 14.68
CA GLY A 162 2.80 2.62 15.17
C GLY A 162 2.35 1.29 14.62
N LYS A 163 1.45 1.30 13.64
CA LYS A 163 0.93 0.08 13.03
C LYS A 163 1.35 -0.03 11.59
N GLY A 164 0.85 -1.07 10.93
CA GLY A 164 1.19 -1.33 9.55
C GLY A 164 0.20 -0.79 8.54
N LEU A 165 0.50 -1.01 7.27
CA LEU A 165 -0.38 -0.63 6.18
C LEU A 165 -1.67 -1.43 6.21
N GLU A 166 -2.78 -0.74 5.99
CA GLU A 166 -4.09 -1.36 6.00
C GLU A 166 -4.83 -0.93 4.74
N TRP A 167 -5.20 -1.89 3.92
CA TRP A 167 -5.95 -1.59 2.71
C TRP A 167 -7.35 -1.11 3.09
N VAL A 168 -7.80 -0.01 2.48
CA VAL A 168 -9.09 0.57 2.85
C VAL A 168 -10.18 0.37 1.78
N ALA A 169 -9.88 0.74 0.54
CA ALA A 169 -10.88 0.73 -0.52
C ALA A 169 -10.20 0.77 -1.87
N GLY A 170 -10.88 0.26 -2.88
CA GLY A 170 -10.36 0.27 -4.25
C GLY A 170 -11.46 0.57 -5.26
N ILE A 171 -11.09 1.15 -6.39
CA ILE A 171 -12.05 1.48 -7.44
C ILE A 171 -11.41 1.29 -8.82
N SER A 172 -12.17 0.71 -9.75
CA SER A 172 -11.66 0.46 -11.09
C SER A 172 -11.52 1.76 -11.87
N ASP A 173 -10.84 1.71 -13.01
CA ASP A 173 -10.59 2.92 -13.76
C ASP A 173 -11.87 3.58 -14.27
N ASP A 174 -12.94 2.81 -14.42
CA ASP A 174 -14.17 3.37 -14.96
C ASP A 174 -15.03 4.01 -13.88
N GLY A 175 -14.57 3.90 -12.64
CA GLY A 175 -15.24 4.51 -11.51
C GLY A 175 -16.56 3.86 -11.14
N ASP A 176 -16.89 2.75 -11.79
CA ASP A 176 -18.20 2.16 -11.62
C ASP A 176 -18.21 0.65 -11.39
N SER A 177 -17.35 -0.07 -12.11
CA SER A 177 -17.48 -1.53 -12.15
C SER A 177 -17.12 -2.19 -10.83
N TYR A 178 -15.90 -1.94 -10.38
CA TYR A 178 -15.38 -2.65 -9.22
C TYR A 178 -15.14 -1.66 -8.10
N ILE A 179 -15.93 -1.78 -7.05
CA ILE A 179 -15.76 -0.97 -5.85
C ILE A 179 -15.74 -1.90 -4.66
N SER A 180 -14.70 -1.77 -3.83
CA SER A 180 -14.51 -2.70 -2.73
C SER A 180 -13.99 -1.98 -1.50
N TYR A 181 -14.36 -2.50 -0.34
CA TYR A 181 -14.04 -1.91 0.95
C TYR A 181 -13.53 -2.96 1.92
N ALA A 182 -12.52 -2.59 2.68
CA ALA A 182 -12.08 -3.42 3.79
C ALA A 182 -13.21 -3.57 4.79
N THR A 183 -13.27 -4.74 5.43
CA THR A 183 -14.25 -5.03 6.46
C THR A 183 -14.29 -3.94 7.54
N ALA A 184 -13.12 -3.35 7.84
CA ALA A 184 -13.03 -2.34 8.89
C ALA A 184 -13.80 -1.06 8.58
N VAL A 185 -14.07 -0.79 7.31
CA VAL A 185 -14.80 0.43 6.96
C VAL A 185 -16.08 0.20 6.18
N LYS A 186 -16.36 -1.05 5.84
CA LYS A 186 -17.54 -1.37 5.05
C LYS A 186 -18.82 -0.91 5.76
N GLY A 187 -19.66 -0.18 5.03
CA GLY A 187 -20.89 0.38 5.59
C GLY A 187 -20.71 1.82 6.00
N ARG A 188 -19.46 2.25 6.13
CA ARG A 188 -19.14 3.62 6.51
C ARG A 188 -18.42 4.39 5.41
N ALA A 189 -17.92 3.67 4.41
CA ALA A 189 -17.04 4.27 3.42
C ALA A 189 -17.66 4.35 2.03
N THR A 190 -17.31 5.43 1.32
CA THR A 190 -17.60 5.53 -0.09
C THR A 190 -16.37 5.98 -0.86
N ILE A 191 -15.95 5.18 -1.84
CA ILE A 191 -14.87 5.59 -2.72
C ILE A 191 -15.46 5.95 -4.07
N SER A 192 -14.97 7.04 -4.65
CA SER A 192 -15.46 7.50 -5.96
C SER A 192 -14.32 8.16 -6.71
N ARG A 193 -14.50 8.38 -8.01
CA ARG A 193 -13.50 9.11 -8.77
C ARG A 193 -14.13 10.00 -9.81
N ASP A 194 -13.37 11.01 -10.21
CA ASP A 194 -13.78 11.94 -11.26
C ASP A 194 -12.68 11.96 -12.30
N ASN A 195 -12.87 11.21 -13.39
CA ASN A 195 -11.78 11.02 -14.33
C ASN A 195 -11.45 12.30 -15.09
N GLY A 196 -12.47 13.13 -15.30
CA GLY A 196 -12.27 14.44 -15.90
C GLY A 196 -11.38 15.36 -15.06
N GLN A 197 -11.50 15.29 -13.74
CA GLN A 197 -10.70 16.11 -12.83
C GLN A 197 -9.45 15.38 -12.33
N SER A 198 -9.33 14.11 -12.71
CA SER A 198 -8.22 13.26 -12.27
C SER A 198 -8.11 13.23 -10.75
N THR A 199 -9.23 12.95 -10.08
CA THR A 199 -9.25 12.86 -8.63
C THR A 199 -9.93 11.58 -8.17
N VAL A 200 -9.51 11.09 -7.01
CA VAL A 200 -10.23 10.00 -6.35
C VAL A 200 -10.57 10.45 -4.94
N ARG A 201 -11.73 10.02 -4.45
CA ARG A 201 -12.28 10.50 -3.19
C ARG A 201 -12.57 9.36 -2.23
N LEU A 202 -12.35 9.59 -0.95
CA LEU A 202 -12.76 8.67 0.11
C LEU A 202 -13.62 9.38 1.13
N GLN A 203 -14.88 8.97 1.23
CA GLN A 203 -15.74 9.47 2.30
C GLN A 203 -15.81 8.42 3.40
N LEU A 204 -15.77 8.85 4.65
CA LEU A 204 -15.82 7.92 5.77
C LEU A 204 -16.62 8.55 6.90
N ASN A 205 -17.66 7.87 7.36
CA ASN A 205 -18.48 8.45 8.42
C ASN A 205 -18.51 7.59 9.67
N ASN A 206 -19.27 8.06 10.67
CA ASN A 206 -19.26 7.51 12.02
C ASN A 206 -17.83 7.21 12.44
N LEU A 207 -17.00 8.25 12.42
CA LEU A 207 -15.58 8.10 12.71
C LEU A 207 -15.34 7.64 14.13
N ARG A 208 -14.33 6.81 14.30
CA ARG A 208 -13.95 6.28 15.60
C ARG A 208 -12.45 6.46 15.80
N ALA A 209 -11.98 6.25 17.03
CA ALA A 209 -10.56 6.41 17.35
C ALA A 209 -9.68 5.54 16.46
N GLU A 210 -10.21 4.40 16.03
CA GLU A 210 -9.46 3.45 15.22
C GLU A 210 -9.25 3.93 13.78
N ASP A 211 -9.91 5.03 13.43
CA ASP A 211 -9.78 5.59 12.10
C ASP A 211 -8.63 6.60 12.04
N THR A 212 -8.05 6.89 13.20
CA THR A 212 -6.87 7.74 13.26
C THR A 212 -5.73 7.06 12.52
N ALA A 213 -5.20 7.74 11.50
CA ALA A 213 -4.21 7.17 10.61
C ALA A 213 -3.73 8.18 9.59
N THR A 214 -2.60 7.87 8.96
CA THR A 214 -2.21 8.51 7.71
C THR A 214 -2.93 7.79 6.60
N TYR A 215 -3.66 8.53 5.77
CA TYR A 215 -4.36 7.96 4.62
C TYR A 215 -3.59 8.25 3.33
N TYR A 216 -3.23 7.17 2.62
CA TYR A 216 -2.49 7.28 1.37
C TYR A 216 -3.33 6.97 0.17
N CYS A 217 -3.21 7.81 -0.85
CA CYS A 217 -3.73 7.54 -2.17
C CYS A 217 -2.76 6.59 -2.85
N ALA A 218 -3.26 5.61 -3.60
CA ALA A 218 -2.39 4.59 -4.21
C ALA A 218 -2.87 4.22 -5.62
N ARG A 219 -1.95 4.21 -6.58
CA ARG A 219 -2.24 3.80 -7.94
C ARG A 219 -1.87 2.34 -8.09
N SER A 220 -2.72 1.56 -8.76
CA SER A 220 -2.38 0.18 -9.09
C SER A 220 -2.06 0.05 -10.57
N HIS A 221 -1.12 -0.84 -10.86
CA HIS A 221 -0.64 -1.06 -12.20
C HIS A 221 -1.58 -2.01 -12.94
N CYS A 222 -2.82 -1.58 -13.06
CA CYS A 222 -3.88 -2.40 -13.65
C CYS A 222 -5.07 -1.52 -13.89
N SER A 223 -6.02 -2.01 -14.68
CA SER A 223 -7.15 -1.18 -15.04
C SER A 223 -8.30 -1.32 -14.04
N GLY A 224 -8.47 -2.50 -13.45
CA GLY A 224 -9.62 -2.71 -12.61
C GLY A 224 -9.39 -3.49 -11.33
N CYS A 225 -8.17 -3.94 -11.12
CA CYS A 225 -7.88 -4.88 -10.03
C CYS A 225 -7.88 -4.19 -8.67
N ARG A 226 -8.21 -4.95 -7.62
CA ARG A 226 -8.14 -4.46 -6.24
C ARG A 226 -6.94 -5.00 -5.45
N ASN A 227 -6.19 -5.89 -6.08
CA ASN A 227 -5.04 -6.55 -5.50
C ASN A 227 -3.97 -5.58 -4.96
N ALA A 228 -3.64 -5.68 -3.65
CA ALA A 228 -2.63 -4.81 -3.04
C ALA A 228 -1.21 -5.24 -3.41
N ALA A 229 -1.07 -6.26 -4.26
CA ALA A 229 0.22 -6.58 -4.87
C ALA A 229 0.57 -5.71 -6.08
N LEU A 230 -0.39 -4.91 -6.55
CA LEU A 230 -0.24 -4.20 -7.82
C LEU A 230 0.00 -2.71 -7.64
N ILE A 231 0.20 -2.25 -6.41
CA ILE A 231 0.38 -0.82 -6.18
C ILE A 231 1.74 -0.35 -6.68
N ASP A 232 1.76 0.67 -7.53
CA ASP A 232 3.03 1.14 -8.06
C ASP A 232 3.28 2.63 -7.88
N ALA A 233 2.40 3.30 -7.14
CA ALA A 233 2.59 4.72 -6.86
C ALA A 233 1.83 5.10 -5.61
N TRP A 234 2.46 5.92 -4.79
CA TRP A 234 1.90 6.33 -3.50
C TRP A 234 1.88 7.84 -3.37
N GLY A 235 0.83 8.36 -2.76
CA GLY A 235 0.80 9.77 -2.41
C GLY A 235 1.65 10.09 -1.20
N HIS A 236 1.59 11.33 -0.74
CA HIS A 236 2.37 11.76 0.41
C HIS A 236 1.65 11.45 1.72
N GLY A 237 0.37 11.12 1.61
CA GLY A 237 -0.44 10.84 2.78
C GLY A 237 -1.09 12.07 3.36
N THR A 238 -2.28 11.90 3.91
CA THR A 238 -2.88 12.96 4.72
C THR A 238 -3.25 12.41 6.09
N GLU A 239 -2.86 13.14 7.13
CA GLU A 239 -3.05 12.69 8.50
C GLU A 239 -4.47 12.96 8.99
N VAL A 240 -5.08 11.95 9.58
CA VAL A 240 -6.43 12.05 10.14
C VAL A 240 -6.35 11.73 11.63
N ILE A 241 -6.84 12.63 12.47
CA ILE A 241 -6.82 12.38 13.90
C ILE A 241 -8.23 12.49 14.46
N VAL A 242 -8.76 11.36 14.91
CA VAL A 242 -10.10 11.33 15.47
C VAL A 242 -10.04 11.51 16.99
N SER A 243 -10.39 12.69 17.47
CA SER A 243 -10.25 13.03 18.88
C SER A 243 -11.52 13.70 19.41
#